data_2Y2F
#
_entry.id   2Y2F
#
_cell.length_a   49.243
_cell.length_b   55.480
_cell.length_c   100.081
_cell.angle_alpha   90.00
_cell.angle_beta   90.00
_cell.angle_gamma   90.00
#
_symmetry.space_group_name_H-M   'P 21 21 21'
#
loop_
_entity.id
_entity.type
_entity.pdbx_description
1 polymer 'PROTEIN-TYROSINE PHOSPHATASE YOPH'
2 non-polymer [4-[3-(DIFLUORO-PHOSPHONO-METHYL)PHENYL]PHENYL]METHOXYAZANIUM
3 water water
#
_entity_poly.entity_id   1
_entity_poly.type   'polypeptide(L)'
_entity_poly.pdbx_seq_one_letter_code
;MRERPHTSGHHGAGEARATAPSTVSPYGPEARAELSSRLTTLRNTLAPATNDPRYLQACGGEKLNRFRDIQCRRQTAVRA
DLNANYIQVGNTRTIACQYPLQSQLESHFRMLAENRTPVLAVLASSSEIANQRFGMPDYFRQSGTYGSITVESKMTQQVG
LGDGIMADMYTLTIREAGQKTISVPVVHVGNWPDQTAVSSEVTKALASLVDQTAETKRNMYESKGSSAVADDSKLRPVIH
CRAGVGRTAQLIGAMCMNDSRNSQLSVEDMVSQMRVQRNGIMVQKDEQLDVLIKLAEGQGRPLLNS
;
_entity_poly.pdbx_strand_id   A
#
loop_
_chem_comp.id
_chem_comp.type
_chem_comp.name
_chem_comp.formula
YI1 non-polymer [4-[3-(DIFLUORO-PHOSPHONO-METHYL)PHENYL]PHENYL]METHOXYAZANIUM 'C14 H15 F2 N O4 P 1'
#
# COMPACT_ATOMS: atom_id res chain seq x y z
N SER A 25 -24.13 22.09 0.58
CA SER A 25 -23.21 21.42 1.54
C SER A 25 -21.83 21.25 0.90
N PRO A 26 -20.75 21.48 1.68
CA PRO A 26 -19.39 21.13 1.22
C PRO A 26 -19.22 19.65 0.90
N TYR A 27 -20.11 18.82 1.44
CA TYR A 27 -20.10 17.38 1.18
C TYR A 27 -21.33 16.90 0.40
N GLY A 28 -22.08 17.84 -0.16
CA GLY A 28 -23.28 17.53 -0.94
C GLY A 28 -22.97 16.93 -2.31
N PRO A 29 -24.02 16.61 -3.09
CA PRO A 29 -23.88 15.91 -4.38
C PRO A 29 -23.17 16.75 -5.44
N GLU A 30 -23.31 18.07 -5.37
CA GLU A 30 -22.60 19.02 -6.25
C GLU A 30 -21.09 18.93 -6.03
N ALA A 31 -20.66 19.07 -4.77
CA ALA A 31 -19.23 18.99 -4.43
C ALA A 31 -18.67 17.63 -4.82
N ARG A 32 -19.43 16.57 -4.57
CA ARG A 32 -19.03 15.22 -4.88
C ARG A 32 -18.91 15.05 -6.39
N ALA A 33 -19.85 15.60 -7.13
CA ALA A 33 -19.81 15.57 -8.60
C ALA A 33 -18.56 16.28 -9.15
N GLU A 34 -18.24 17.44 -8.58
CA GLU A 34 -17.05 18.19 -8.98
C GLU A 34 -15.77 17.42 -8.69
N LEU A 35 -15.71 16.84 -7.49
CA LEU A 35 -14.57 16.00 -7.09
C LEU A 35 -14.36 14.86 -8.10
N SER A 36 -15.44 14.15 -8.42
CA SER A 36 -15.38 13.05 -9.37
CA SER A 36 -15.40 13.05 -9.38
C SER A 36 -14.94 13.50 -10.75
N SER A 37 -15.47 14.63 -11.22
CA SER A 37 -15.05 15.22 -12.49
C SER A 37 -13.55 15.44 -12.55
N ARG A 38 -13.01 16.11 -11.53
CA ARG A 38 -11.58 16.33 -11.47
C ARG A 38 -10.77 15.01 -11.46
N LEU A 39 -11.19 14.07 -10.64
CA LEU A 39 -10.44 12.84 -10.50
C LEU A 39 -10.51 11.95 -11.74
N THR A 40 -11.63 11.99 -12.45
CA THR A 40 -11.80 11.19 -13.67
C THR A 40 -10.91 11.70 -14.78
N THR A 41 -10.88 13.02 -14.94
CA THR A 41 -9.95 13.64 -15.87
C THR A 41 -8.53 13.19 -15.62
N LEU A 42 -8.13 13.21 -14.34
CA LEU A 42 -6.79 12.82 -13.97
C LEU A 42 -6.56 11.35 -14.28
N ARG A 43 -7.52 10.49 -13.94
CA ARG A 43 -7.39 9.06 -14.27
C ARG A 43 -7.18 8.88 -15.77
N ASN A 44 -8.04 9.51 -16.57
CA ASN A 44 -8.00 9.30 -18.02
C ASN A 44 -6.69 9.78 -18.65
N THR A 45 -6.14 10.89 -18.15
CA THR A 45 -4.89 11.42 -18.67
C THR A 45 -3.64 10.65 -18.21
N LEU A 46 -3.75 9.93 -17.09
CA LEU A 46 -2.65 9.12 -16.57
C LEU A 46 -2.64 7.68 -17.11
N ALA A 47 -3.61 7.31 -17.95
CA ALA A 47 -3.64 5.98 -18.52
C ALA A 47 -2.37 5.73 -19.29
N PRO A 48 -1.79 4.53 -19.15
CA PRO A 48 -0.49 4.32 -19.72
C PRO A 48 -0.57 4.07 -21.24
N ALA A 49 0.27 4.76 -22.01
CA ALA A 49 0.51 4.46 -23.41
C ALA A 49 1.50 3.32 -23.50
N THR A 50 1.58 2.66 -24.64
CA THR A 50 2.68 1.73 -24.85
C THR A 50 4.04 2.45 -24.76
N ASN A 51 5.01 1.83 -24.08
CA ASN A 51 6.36 2.43 -23.84
CA ASN A 51 6.34 2.40 -23.79
C ASN A 51 6.28 3.81 -23.19
N ASP A 52 5.29 4.04 -22.34
CA ASP A 52 5.03 5.37 -21.75
C ASP A 52 6.25 5.79 -20.94
N PRO A 53 6.82 6.96 -21.22
CA PRO A 53 7.99 7.33 -20.41
C PRO A 53 7.64 7.60 -18.92
N ARG A 54 6.35 7.80 -18.61
CA ARG A 54 5.95 7.99 -17.21
C ARG A 54 6.00 6.70 -16.36
N TYR A 55 6.07 5.54 -17.01
CA TYR A 55 5.89 4.26 -16.30
C TYR A 55 7.05 3.29 -16.48
N LEU A 56 7.37 2.58 -15.41
CA LEU A 56 8.43 1.58 -15.40
C LEU A 56 8.16 0.50 -16.45
N GLN A 57 9.20 0.13 -17.21
CA GLN A 57 9.06 -0.85 -18.31
C GLN A 57 9.75 -2.16 -17.95
N ALA A 58 9.15 -3.27 -18.36
CA ALA A 58 9.69 -4.59 -18.22
C ALA A 58 10.94 -4.71 -19.07
N CYS A 59 11.85 -5.57 -18.65
CA CYS A 59 13.10 -5.80 -19.34
C CYS A 59 13.37 -7.30 -19.54
N GLY A 60 13.60 -7.70 -20.78
CA GLY A 60 14.29 -8.98 -21.07
C GLY A 60 13.47 -10.24 -21.15
N GLY A 61 12.14 -10.09 -21.01
CA GLY A 61 11.16 -11.18 -21.17
C GLY A 61 10.32 -11.42 -19.93
N GLU A 62 10.89 -11.08 -18.77
CA GLU A 62 10.24 -11.34 -17.50
C GLU A 62 9.07 -10.35 -17.28
N LYS A 63 7.95 -10.87 -16.85
CA LYS A 63 6.77 -10.05 -16.57
C LYS A 63 7.00 -9.16 -15.32
N LEU A 64 6.69 -7.87 -15.46
CA LEU A 64 6.79 -6.88 -14.39
C LEU A 64 5.43 -6.63 -13.76
N ASN A 65 4.46 -6.33 -14.60
CA ASN A 65 3.15 -5.91 -14.13
C ASN A 65 2.21 -7.08 -14.06
N ARG A 66 1.65 -7.29 -12.88
CA ARG A 66 0.65 -8.34 -12.67
C ARG A 66 -0.52 -8.15 -13.65
N PHE A 67 -0.90 -6.89 -13.88
CA PHE A 67 -1.94 -6.52 -14.81
C PHE A 67 -1.41 -5.45 -15.75
N ARG A 68 -1.62 -5.69 -17.03
CA ARG A 68 -1.09 -4.83 -18.10
C ARG A 68 -1.45 -3.39 -17.94
N ASP A 69 -2.65 -3.13 -17.43
CA ASP A 69 -3.19 -1.77 -17.30
C ASP A 69 -2.91 -1.13 -15.93
N ILE A 70 -2.18 -1.81 -15.05
CA ILE A 70 -1.87 -1.31 -13.70
C ILE A 70 -0.35 -1.20 -13.60
N GLN A 71 0.15 -0.02 -13.93
CA GLN A 71 1.58 0.18 -14.08
C GLN A 71 2.17 1.05 -12.96
N CYS A 72 3.49 1.15 -12.96
CA CYS A 72 4.25 1.65 -11.82
C CYS A 72 4.94 2.94 -12.24
N ARG A 73 4.56 4.07 -11.63
CA ARG A 73 5.14 5.36 -11.98
C ARG A 73 6.66 5.28 -11.87
N ARG A 74 7.36 5.59 -12.96
CA ARG A 74 8.83 5.48 -13.03
CA ARG A 74 8.82 5.40 -12.96
C ARG A 74 9.56 6.30 -11.96
N GLN A 75 9.20 7.58 -11.88
CA GLN A 75 9.81 8.58 -10.96
C GLN A 75 9.83 8.13 -9.48
N THR A 76 8.81 7.40 -9.06
CA THR A 76 8.68 7.01 -7.67
C THR A 76 8.90 5.50 -7.45
N ALA A 77 9.42 4.81 -8.48
CA ALA A 77 9.56 3.37 -8.39
C ALA A 77 10.58 3.02 -7.31
N VAL A 78 10.34 1.92 -6.62
CA VAL A 78 11.24 1.47 -5.54
C VAL A 78 12.43 0.64 -6.06
N ARG A 79 12.15 -0.36 -6.90
CA ARG A 79 13.17 -1.23 -7.52
CA ARG A 79 13.20 -1.14 -7.56
C ARG A 79 12.84 -1.37 -9.01
N ALA A 80 13.87 -1.59 -9.84
CA ALA A 80 13.65 -1.71 -11.29
C ALA A 80 12.83 -2.93 -11.70
N ASP A 81 12.80 -3.96 -10.86
CA ASP A 81 12.08 -5.19 -11.17
C ASP A 81 10.83 -5.47 -10.30
N LEU A 82 10.30 -4.43 -9.65
CA LEU A 82 9.05 -4.53 -8.90
C LEU A 82 8.05 -3.49 -9.38
N ASN A 83 6.77 -3.82 -9.26
CA ASN A 83 5.68 -2.87 -9.45
C ASN A 83 5.35 -2.41 -8.03
N ALA A 84 5.98 -1.29 -7.65
CA ALA A 84 6.01 -0.79 -6.28
C ALA A 84 6.42 0.69 -6.31
N ASN A 85 5.74 1.55 -5.54
CA ASN A 85 6.00 2.97 -5.56
C ASN A 85 6.09 3.54 -4.18
N TYR A 86 7.08 4.42 -3.98
CA TYR A 86 7.05 5.37 -2.89
C TYR A 86 5.87 6.33 -3.05
N ILE A 87 5.10 6.51 -1.98
N ILE A 87 5.05 6.45 -2.00
CA ILE A 87 3.94 7.39 -1.99
CA ILE A 87 3.96 7.41 -1.97
C ILE A 87 3.97 8.31 -0.79
C ILE A 87 4.15 8.35 -0.80
N GLN A 88 3.88 9.62 -1.04
CA GLN A 88 3.78 10.59 0.05
C GLN A 88 2.52 11.40 -0.15
N VAL A 89 1.60 11.27 0.80
CA VAL A 89 0.31 11.93 0.78
C VAL A 89 0.35 12.91 1.95
N GLY A 90 0.42 14.19 1.58
CA GLY A 90 0.74 15.24 2.53
C GLY A 90 2.12 14.99 3.11
N ASN A 91 2.15 14.57 4.37
CA ASN A 91 3.40 14.18 5.06
C ASN A 91 3.51 12.69 5.28
N THR A 92 2.51 11.92 4.88
CA THR A 92 2.51 10.49 5.19
C THR A 92 3.25 9.69 4.12
N ARG A 93 4.32 9.02 4.53
CA ARG A 93 5.22 8.29 3.63
C ARG A 93 5.01 6.78 3.72
N THR A 94 4.67 6.17 2.59
CA THR A 94 4.41 4.73 2.50
C THR A 94 5.00 4.18 1.21
N ILE A 95 4.92 2.85 1.04
CA ILE A 95 5.18 2.16 -0.23
C ILE A 95 3.87 1.44 -0.55
N ALA A 96 3.35 1.64 -1.76
CA ALA A 96 2.22 0.87 -2.29
C ALA A 96 2.74 0.00 -3.43
N CYS A 97 2.33 -1.28 -3.46
CA CYS A 97 2.71 -2.17 -4.53
C CYS A 97 1.63 -3.17 -4.93
N GLN A 98 1.90 -3.88 -6.03
CA GLN A 98 1.07 -5.03 -6.38
C GLN A 98 1.47 -6.21 -5.51
N TYR A 99 0.60 -7.21 -5.47
CA TYR A 99 0.97 -8.49 -4.90
C TYR A 99 2.11 -9.03 -5.74
N PRO A 100 3.26 -9.32 -5.11
CA PRO A 100 4.41 -9.71 -5.92
C PRO A 100 4.20 -11.04 -6.68
N LEU A 101 4.65 -11.04 -7.93
CA LEU A 101 4.68 -12.26 -8.73
C LEU A 101 5.68 -13.23 -8.11
N GLN A 102 5.48 -14.53 -8.35
CA GLN A 102 6.43 -15.53 -7.89
C GLN A 102 7.93 -15.17 -8.19
N SER A 103 8.20 -14.71 -9.40
CA SER A 103 9.58 -14.45 -9.85
C SER A 103 10.20 -13.24 -9.15
N GLN A 104 9.34 -12.44 -8.53
CA GLN A 104 9.74 -11.21 -7.85
C GLN A 104 9.96 -11.36 -6.36
N LEU A 105 9.82 -12.57 -5.81
CA LEU A 105 9.76 -12.67 -4.36
C LEU A 105 11.10 -12.33 -3.71
N GLU A 106 12.21 -12.77 -4.31
CA GLU A 106 13.53 -12.43 -3.76
C GLU A 106 13.74 -10.90 -3.72
N SER A 107 13.37 -10.21 -4.79
N SER A 107 13.37 -10.21 -4.79
CA SER A 107 13.52 -8.76 -4.82
CA SER A 107 13.51 -8.75 -4.84
C SER A 107 12.58 -8.06 -3.84
C SER A 107 12.59 -8.08 -3.83
N HIS A 108 11.37 -8.59 -3.75
CA HIS A 108 10.35 -8.09 -2.81
C HIS A 108 10.89 -8.17 -1.36
N PHE A 109 11.42 -9.31 -0.98
CA PHE A 109 11.99 -9.51 0.37
C PHE A 109 13.21 -8.62 0.60
N ARG A 110 14.03 -8.41 -0.43
CA ARG A 110 15.16 -7.47 -0.32
CA ARG A 110 15.16 -7.49 -0.31
C ARG A 110 14.67 -6.06 -0.07
N MET A 111 13.62 -5.63 -0.80
CA MET A 111 13.01 -4.32 -0.58
C MET A 111 12.53 -4.27 0.90
N LEU A 112 11.79 -5.28 1.33
CA LEU A 112 11.27 -5.29 2.71
C LEU A 112 12.38 -5.11 3.74
N ALA A 113 13.47 -5.87 3.59
CA ALA A 113 14.60 -5.87 4.51
C ALA A 113 15.34 -4.54 4.50
N GLU A 114 15.75 -4.12 3.30
CA GLU A 114 16.42 -2.81 3.10
C GLU A 114 15.68 -1.59 3.67
N ASN A 115 14.35 -1.55 3.51
CA ASN A 115 13.47 -0.51 4.05
C ASN A 115 13.28 -0.60 5.59
N ARG A 116 13.77 -1.67 6.24
CA ARG A 116 13.56 -1.86 7.68
C ARG A 116 12.03 -1.76 7.93
N THR A 117 11.27 -2.43 7.07
CA THR A 117 9.83 -2.23 7.00
C THR A 117 9.17 -2.38 8.38
N PRO A 118 8.50 -1.33 8.84
CA PRO A 118 7.93 -1.43 10.18
C PRO A 118 6.54 -2.09 10.22
N VAL A 119 5.90 -2.25 9.06
CA VAL A 119 4.66 -3.00 8.94
C VAL A 119 4.42 -3.26 7.46
N LEU A 120 4.07 -4.51 7.16
CA LEU A 120 3.62 -4.93 5.85
C LEU A 120 2.13 -5.22 6.01
N ALA A 121 1.28 -4.45 5.35
CA ALA A 121 -0.16 -4.63 5.40
C ALA A 121 -0.62 -5.27 4.09
N VAL A 122 -1.17 -6.47 4.21
CA VAL A 122 -1.64 -7.22 3.05
C VAL A 122 -3.16 -7.25 3.10
N LEU A 123 -3.81 -6.76 2.05
CA LEU A 123 -5.25 -6.61 2.04
C LEU A 123 -5.91 -7.53 1.01
N ALA A 124 -5.11 -8.35 0.35
CA ALA A 124 -5.62 -9.40 -0.54
C ALA A 124 -6.24 -10.50 0.34
N SER A 125 -7.39 -11.01 -0.11
CA SER A 125 -8.13 -11.99 0.68
C SER A 125 -7.50 -13.38 0.62
N SER A 126 -7.74 -14.16 1.66
CA SER A 126 -7.31 -15.54 1.71
C SER A 126 -7.81 -16.35 0.50
N SER A 127 -9.04 -16.10 0.08
CA SER A 127 -9.61 -16.76 -1.12
C SER A 127 -8.86 -16.44 -2.40
N GLU A 128 -8.44 -15.18 -2.55
CA GLU A 128 -7.62 -14.78 -3.67
C GLU A 128 -6.29 -15.50 -3.66
N ILE A 129 -5.58 -15.49 -2.52
CA ILE A 129 -4.26 -16.13 -2.39
C ILE A 129 -4.32 -17.65 -2.69
N ALA A 130 -5.38 -18.30 -2.21
CA ALA A 130 -5.50 -19.76 -2.34
C ALA A 130 -5.86 -20.16 -3.78
N ASN A 131 -6.44 -19.25 -4.54
CA ASN A 131 -6.80 -19.52 -5.93
C ASN A 131 -5.57 -19.47 -6.82
N GLN A 132 -5.06 -20.63 -7.21
CA GLN A 132 -3.82 -20.71 -7.96
C GLN A 132 -3.91 -20.09 -9.37
N ARG A 133 -5.13 -19.89 -9.87
CA ARG A 133 -5.34 -19.22 -11.15
C ARG A 133 -4.85 -17.75 -11.08
N PHE A 134 -4.81 -17.16 -9.89
CA PHE A 134 -4.41 -15.76 -9.73
C PHE A 134 -2.89 -15.57 -9.53
N GLY A 135 -2.15 -16.66 -9.30
CA GLY A 135 -0.67 -16.61 -9.14
C GLY A 135 -0.19 -15.63 -8.05
N MET A 136 -0.83 -15.72 -6.89
CA MET A 136 -0.52 -14.91 -5.71
C MET A 136 0.16 -15.83 -4.69
N PRO A 137 1.51 -15.86 -4.67
CA PRO A 137 2.17 -16.80 -3.79
C PRO A 137 1.94 -16.52 -2.30
N ASP A 138 1.82 -17.60 -1.53
CA ASP A 138 1.52 -17.52 -0.11
C ASP A 138 2.80 -17.22 0.68
N TYR A 139 3.37 -16.03 0.47
CA TYR A 139 4.75 -15.79 0.88
C TYR A 139 4.98 -15.33 2.32
N PHE A 140 3.91 -15.02 3.04
CA PHE A 140 4.04 -14.50 4.40
C PHE A 140 3.42 -15.39 5.49
N ARG A 141 2.68 -16.41 5.09
CA ARG A 141 2.07 -17.34 6.04
C ARG A 141 2.80 -18.65 6.11
N GLN A 142 3.78 -18.82 5.22
CA GLN A 142 4.62 -20.01 5.21
C GLN A 142 6.09 -19.60 5.11
N SER A 143 6.98 -20.41 5.67
CA SER A 143 8.42 -20.21 5.51
C SER A 143 8.83 -20.66 4.13
N GLY A 144 9.94 -20.13 3.63
CA GLY A 144 10.41 -20.45 2.30
C GLY A 144 11.83 -20.00 2.02
N THR A 145 12.34 -20.41 0.86
CA THR A 145 13.66 -20.00 0.41
C THR A 145 13.48 -19.42 -0.98
N TYR A 146 14.09 -18.26 -1.21
CA TYR A 146 13.93 -17.54 -2.46
C TYR A 146 15.32 -17.06 -2.88
N GLY A 147 15.96 -17.81 -3.77
CA GLY A 147 17.35 -17.53 -4.08
C GLY A 147 18.21 -17.67 -2.84
N SER A 148 18.94 -16.62 -2.50
CA SER A 148 19.84 -16.64 -1.34
C SER A 148 19.14 -16.21 -0.03
N ILE A 149 17.87 -15.86 -0.12
CA ILE A 149 17.11 -15.39 1.03
C ILE A 149 16.25 -16.52 1.59
N THR A 150 16.29 -16.70 2.91
CA THR A 150 15.38 -17.61 3.59
C THR A 150 14.44 -16.79 4.47
N VAL A 151 13.19 -17.23 4.55
CA VAL A 151 12.18 -16.50 5.27
C VAL A 151 11.45 -17.45 6.19
N GLU A 152 11.36 -17.04 7.45
CA GLU A 152 10.64 -17.74 8.51
C GLU A 152 9.38 -16.92 8.89
N SER A 153 8.21 -17.55 8.78
CA SER A 153 6.93 -16.94 9.15
C SER A 153 6.44 -17.52 10.48
N LYS A 154 6.07 -16.65 11.41
CA LYS A 154 5.44 -17.06 12.69
C LYS A 154 4.12 -16.31 12.82
N MET A 155 3.03 -16.98 13.24
CA MET A 155 1.77 -16.31 13.48
CA MET A 155 1.76 -16.25 13.46
C MET A 155 1.82 -15.65 14.86
N THR A 156 1.30 -14.43 14.97
CA THR A 156 1.21 -13.75 16.27
C THR A 156 -0.28 -13.55 16.54
N GLN A 157 -0.70 -12.36 16.93
CA GLN A 157 -2.06 -12.15 17.37
C GLN A 157 -3.06 -12.02 16.21
N GLN A 158 -4.34 -12.14 16.56
CA GLN A 158 -5.45 -11.92 15.65
C GLN A 158 -6.33 -10.80 16.23
N VAL A 159 -6.65 -9.80 15.42
CA VAL A 159 -7.43 -8.64 15.87
C VAL A 159 -8.69 -8.44 15.00
N GLY A 160 -9.88 -8.37 15.66
CA GLY A 160 -11.13 -8.03 14.98
C GLY A 160 -11.24 -6.54 14.70
N LEU A 161 -11.68 -6.16 13.52
CA LEU A 161 -11.75 -4.75 13.14
C LEU A 161 -13.17 -4.21 13.09
N GLY A 162 -14.15 -5.08 13.31
CA GLY A 162 -15.55 -4.71 13.17
C GLY A 162 -16.20 -5.30 11.92
N ASP A 163 -17.51 -5.47 11.97
CA ASP A 163 -18.25 -6.03 10.83
C ASP A 163 -17.73 -7.40 10.35
N GLY A 164 -17.13 -8.17 11.25
CA GLY A 164 -16.58 -9.49 10.93
C GLY A 164 -15.21 -9.50 10.21
N ILE A 165 -14.69 -8.32 9.90
CA ILE A 165 -13.38 -8.16 9.26
C ILE A 165 -12.30 -8.44 10.32
N MET A 166 -11.37 -9.32 9.96
CA MET A 166 -10.32 -9.84 10.85
CA MET A 166 -10.32 -9.83 10.86
C MET A 166 -8.91 -9.52 10.33
N ALA A 167 -8.03 -9.09 11.23
CA ALA A 167 -6.60 -8.95 10.92
C ALA A 167 -5.86 -10.09 11.59
N ASP A 168 -5.18 -10.92 10.80
CA ASP A 168 -4.23 -11.91 11.28
C ASP A 168 -2.84 -11.34 11.20
N MET A 169 -2.06 -11.44 12.29
CA MET A 169 -0.71 -10.89 12.30
C MET A 169 0.36 -11.97 12.32
N TYR A 170 1.50 -11.64 11.73
CA TYR A 170 2.64 -12.52 11.56
C TYR A 170 3.91 -11.76 11.74
N THR A 171 5.00 -12.48 11.96
CA THR A 171 6.32 -11.88 11.76
C THR A 171 7.05 -12.68 10.67
N LEU A 172 7.73 -11.96 9.79
CA LEU A 172 8.59 -12.55 8.76
C LEU A 172 10.03 -12.23 9.11
N THR A 173 10.84 -13.26 9.35
CA THR A 173 12.26 -13.08 9.65
C THR A 173 13.05 -13.44 8.40
N ILE A 174 13.76 -12.45 7.87
CA ILE A 174 14.39 -12.47 6.57
C ILE A 174 15.89 -12.62 6.78
N ARG A 175 16.44 -13.73 6.30
CA ARG A 175 17.86 -13.98 6.42
C ARG A 175 18.53 -14.16 5.07
N GLU A 176 19.80 -13.78 5.03
CA GLU A 176 20.64 -13.88 3.86
C GLU A 176 22.10 -13.86 4.33
N ALA A 177 22.91 -14.82 3.86
CA ALA A 177 24.31 -14.90 4.28
C ALA A 177 25.02 -13.55 4.07
N GLY A 178 25.68 -13.08 5.12
CA GLY A 178 26.38 -11.79 5.07
C GLY A 178 25.52 -10.54 5.14
N GLN A 179 24.20 -10.68 5.31
CA GLN A 179 23.33 -9.54 5.53
C GLN A 179 22.80 -9.56 6.96
N LYS A 180 22.44 -8.39 7.48
CA LYS A 180 21.74 -8.35 8.76
C LYS A 180 20.38 -8.97 8.59
N THR A 181 20.04 -9.81 9.55
CA THR A 181 18.73 -10.42 9.66
C THR A 181 17.70 -9.37 10.06
N ILE A 182 16.57 -9.34 9.35
CA ILE A 182 15.53 -8.31 9.57
C ILE A 182 14.19 -8.97 9.76
N SER A 183 13.43 -8.58 10.78
CA SER A 183 12.09 -9.12 10.98
CA SER A 183 12.09 -9.13 10.97
C SER A 183 11.05 -8.06 10.66
N VAL A 184 9.98 -8.46 9.97
CA VAL A 184 8.94 -7.55 9.51
C VAL A 184 7.57 -7.97 10.10
N PRO A 185 6.91 -7.05 10.81
CA PRO A 185 5.54 -7.30 11.26
C PRO A 185 4.58 -7.29 10.07
N VAL A 186 3.68 -8.27 10.03
CA VAL A 186 2.68 -8.33 8.97
C VAL A 186 1.28 -8.17 9.57
N VAL A 187 0.44 -7.34 8.95
CA VAL A 187 -0.97 -7.26 9.26
C VAL A 187 -1.70 -7.75 8.04
N HIS A 188 -2.34 -8.92 8.11
CA HIS A 188 -3.06 -9.46 6.98
C HIS A 188 -4.55 -9.37 7.20
N VAL A 189 -5.24 -8.53 6.44
CA VAL A 189 -6.71 -8.54 6.40
C VAL A 189 -7.10 -9.55 5.33
N GLY A 190 -7.58 -10.71 5.78
CA GLY A 190 -7.86 -11.82 4.90
C GLY A 190 -9.26 -11.92 4.36
N ASN A 191 -10.16 -11.04 4.79
CA ASN A 191 -11.54 -11.08 4.30
C ASN A 191 -12.13 -9.73 3.87
N TRP A 192 -11.29 -8.91 3.23
CA TRP A 192 -11.73 -7.72 2.51
C TRP A 192 -11.78 -8.04 1.02
N PRO A 193 -12.99 -8.32 0.50
CA PRO A 193 -13.10 -8.71 -0.89
C PRO A 193 -12.67 -7.64 -1.90
N ASP A 194 -12.15 -8.10 -3.03
CA ASP A 194 -11.77 -7.27 -4.16
C ASP A 194 -12.91 -6.32 -4.57
N GLN A 195 -12.56 -5.08 -4.92
CA GLN A 195 -13.51 -4.12 -5.50
C GLN A 195 -14.68 -3.81 -4.57
N THR A 196 -14.38 -3.81 -3.27
CA THR A 196 -15.30 -3.37 -2.26
C THR A 196 -14.64 -2.39 -1.32
N ALA A 197 -15.47 -1.64 -0.61
CA ALA A 197 -15.01 -0.79 0.48
C ALA A 197 -15.53 -1.32 1.80
N VAL A 198 -14.62 -1.64 2.71
CA VAL A 198 -15.03 -1.89 4.08
C VAL A 198 -15.51 -0.54 4.65
N SER A 199 -16.31 -0.58 5.72
CA SER A 199 -16.96 0.62 6.22
C SER A 199 -15.95 1.64 6.72
N SER A 200 -16.36 2.92 6.83
CA SER A 200 -15.47 3.95 7.42
C SER A 200 -14.97 3.56 8.83
N GLU A 201 -15.83 2.95 9.63
CA GLU A 201 -15.43 2.43 10.96
C GLU A 201 -14.33 1.35 10.90
N VAL A 202 -14.52 0.34 10.05
CA VAL A 202 -13.52 -0.71 9.89
C VAL A 202 -12.21 -0.10 9.39
N THR A 203 -12.32 0.84 8.46
CA THR A 203 -11.15 1.49 7.85
C THR A 203 -10.34 2.24 8.89
N LYS A 204 -11.05 2.98 9.76
CA LYS A 204 -10.39 3.74 10.82
C LYS A 204 -9.71 2.80 11.81
N ALA A 205 -10.34 1.68 12.13
CA ALA A 205 -9.78 0.69 13.05
C ALA A 205 -8.52 0.07 12.42
N LEU A 206 -8.62 -0.23 11.13
CA LEU A 206 -7.48 -0.81 10.37
C LEU A 206 -6.27 0.14 10.27
N ALA A 207 -6.50 1.39 9.87
CA ALA A 207 -5.48 2.44 9.89
C ALA A 207 -4.82 2.57 11.25
N SER A 208 -5.61 2.53 12.32
CA SER A 208 -5.04 2.60 13.67
C SER A 208 -4.17 1.40 14.00
N LEU A 209 -4.62 0.21 13.64
CA LEU A 209 -3.82 -0.99 13.87
C LEU A 209 -2.49 -0.97 13.10
N VAL A 210 -2.56 -0.61 11.82
CA VAL A 210 -1.37 -0.53 10.97
C VAL A 210 -0.38 0.54 11.44
N ASP A 211 -0.86 1.74 11.80
CA ASP A 211 -0.02 2.81 12.33
C ASP A 211 0.59 2.42 13.68
N GLN A 212 -0.22 1.82 14.55
CA GLN A 212 0.27 1.32 15.86
C GLN A 212 1.35 0.26 15.70
N THR A 213 1.12 -0.71 14.81
CA THR A 213 2.12 -1.76 14.55
C THR A 213 3.43 -1.15 14.03
N ALA A 214 3.32 -0.26 13.05
CA ALA A 214 4.51 0.46 12.53
C ALA A 214 5.23 1.20 13.62
N GLU A 215 4.45 1.90 14.44
CA GLU A 215 5.04 2.73 15.51
C GLU A 215 5.88 1.93 16.51
N THR A 216 5.37 0.78 16.91
CA THR A 216 6.09 -0.15 17.81
C THR A 216 7.40 -0.62 17.22
N LYS A 217 7.37 -1.07 15.96
CA LYS A 217 8.57 -1.54 15.27
C LYS A 217 9.56 -0.37 15.02
N ARG A 218 9.06 0.78 14.54
CA ARG A 218 9.90 1.95 14.37
C ARG A 218 10.60 2.35 15.67
N ASN A 219 9.85 2.30 16.78
CA ASN A 219 10.43 2.60 18.09
C ASN A 219 11.58 1.67 18.46
N MET A 220 11.47 0.38 18.13
CA MET A 220 12.57 -0.58 18.37
C MET A 220 13.83 -0.17 17.62
N TYR A 221 13.69 0.16 16.34
CA TYR A 221 14.85 0.62 15.54
C TYR A 221 15.48 1.89 16.10
N GLU A 222 14.64 2.82 16.54
CA GLU A 222 15.10 4.07 17.15
C GLU A 222 15.85 3.81 18.46
N SER A 223 15.34 2.85 19.23
CA SER A 223 15.97 2.51 20.50
C SER A 223 17.33 1.84 20.30
N LYS A 224 17.55 1.24 19.12
CA LYS A 224 18.82 0.62 18.73
C LYS A 224 19.76 1.55 17.95
N GLY A 225 19.34 2.79 17.72
CA GLY A 225 20.13 3.76 16.94
C GLY A 225 20.25 3.51 15.45
N SER A 226 19.30 2.79 14.84
CA SER A 226 19.31 2.55 13.39
C SER A 226 19.47 3.84 12.60
N SER A 227 20.29 3.79 11.56
CA SER A 227 20.47 4.94 10.67
C SER A 227 19.30 5.08 9.68
N ALA A 228 18.44 4.05 9.61
CA ALA A 228 17.24 4.10 8.78
C ALA A 228 16.33 5.19 9.27
N VAL A 229 16.44 5.55 10.56
CA VAL A 229 15.57 6.55 11.18
C VAL A 229 15.72 7.94 10.56
N ALA A 230 16.91 8.21 10.02
CA ALA A 230 17.25 9.49 9.37
C ALA A 230 17.05 9.52 7.84
N ASP A 231 16.44 8.48 7.26
CA ASP A 231 16.39 8.30 5.82
C ASP A 231 14.94 8.18 5.38
N ASP A 232 14.44 9.18 4.67
CA ASP A 232 13.03 9.20 4.32
C ASP A 232 12.61 8.19 3.25
N SER A 233 13.56 7.52 2.63
CA SER A 233 13.24 6.38 1.75
C SER A 233 12.99 5.10 2.55
N LYS A 234 13.28 5.14 3.87
CA LYS A 234 13.21 3.94 4.73
C LYS A 234 12.19 4.07 5.85
N LEU A 235 11.94 2.94 6.50
CA LEU A 235 10.95 2.81 7.56
C LEU A 235 9.54 3.17 7.12
N ARG A 236 9.24 2.89 5.85
CA ARG A 236 7.90 3.10 5.31
C ARG A 236 7.03 1.86 5.45
N PRO A 237 5.80 2.04 5.95
CA PRO A 237 4.86 0.93 5.84
C PRO A 237 4.72 0.55 4.36
N VAL A 238 4.62 -0.75 4.12
CA VAL A 238 4.41 -1.31 2.78
C VAL A 238 3.01 -1.87 2.75
N ILE A 239 2.21 -1.42 1.79
CA ILE A 239 0.81 -1.83 1.64
C ILE A 239 0.55 -2.44 0.24
N HIS A 240 -0.03 -3.64 0.21
CA HIS A 240 -0.49 -4.19 -1.05
C HIS A 240 -1.77 -4.99 -0.89
N CYS A 241 -2.55 -5.01 -1.94
CA CYS A 241 -3.70 -5.89 -2.05
C CYS A 241 -3.39 -6.84 -3.23
N ARG A 242 -4.21 -6.89 -4.26
CA ARG A 242 -3.87 -7.74 -5.39
C ARG A 242 -3.15 -6.88 -6.45
N ALA A 243 -3.87 -5.87 -6.94
CA ALA A 243 -3.32 -4.88 -7.88
C ALA A 243 -2.59 -3.73 -7.19
N GLY A 244 -2.84 -3.46 -5.91
CA GLY A 244 -2.29 -2.28 -5.24
C GLY A 244 -2.90 -0.95 -5.63
N VAL A 245 -4.18 -0.94 -6.02
CA VAL A 245 -4.85 0.31 -6.38
C VAL A 245 -6.19 0.59 -5.69
N GLY A 246 -6.93 -0.44 -5.29
CA GLY A 246 -8.23 -0.24 -4.65
C GLY A 246 -8.16 -0.24 -3.12
N ARG A 247 -8.06 -1.44 -2.56
CA ARG A 247 -8.06 -1.59 -1.10
C ARG A 247 -6.85 -0.87 -0.50
N THR A 248 -5.71 -0.99 -1.16
CA THR A 248 -4.48 -0.27 -0.78
C THR A 248 -4.68 1.25 -0.68
N ALA A 249 -5.31 1.83 -1.70
CA ALA A 249 -5.56 3.26 -1.75
C ALA A 249 -6.54 3.72 -0.68
N GLN A 250 -7.57 2.92 -0.40
CA GLN A 250 -8.51 3.24 0.71
C GLN A 250 -7.73 3.28 2.05
N LEU A 251 -6.87 2.29 2.29
CA LEU A 251 -6.10 2.27 3.54
C LEU A 251 -5.15 3.44 3.61
N ILE A 252 -4.39 3.68 2.56
CA ILE A 252 -3.43 4.79 2.57
C ILE A 252 -4.13 6.13 2.82
N GLY A 253 -5.29 6.32 2.18
CA GLY A 253 -6.06 7.54 2.41
C GLY A 253 -6.42 7.71 3.87
N ALA A 254 -6.83 6.62 4.52
CA ALA A 254 -7.26 6.64 5.92
C ALA A 254 -6.08 6.94 6.84
N MET A 255 -4.96 6.32 6.55
CA MET A 255 -3.72 6.56 7.29
C MET A 255 -3.29 8.03 7.22
N CYS A 256 -3.43 8.61 6.04
CA CYS A 256 -3.10 10.03 5.84
C CYS A 256 -4.01 10.92 6.70
N MET A 257 -5.27 10.56 6.81
CA MET A 257 -6.17 11.33 7.65
C MET A 257 -5.95 11.13 9.16
N ASN A 258 -5.26 10.06 9.54
CA ASN A 258 -4.92 9.75 10.94
C ASN A 258 -3.63 10.45 11.42
N ASP A 259 -3.00 11.19 10.50
CA ASP A 259 -1.68 11.79 10.71
C ASP A 259 -1.96 13.24 10.98
N SER A 260 -1.57 13.71 12.16
CA SER A 260 -1.89 15.09 12.61
C SER A 260 -1.19 16.15 11.78
N ARG A 261 -0.12 15.75 11.08
CA ARG A 261 0.61 16.68 10.22
C ARG A 261 -0.17 17.10 8.95
N ASN A 262 -1.29 16.43 8.64
CA ASN A 262 -1.97 16.63 7.37
C ASN A 262 -3.20 17.51 7.45
N SER A 263 -3.25 18.41 8.44
CA SER A 263 -4.35 19.36 8.50
CA SER A 263 -4.31 19.42 8.52
C SER A 263 -4.49 20.10 7.17
N GLN A 264 -5.75 20.21 6.75
CA GLN A 264 -6.16 20.95 5.55
C GLN A 264 -5.91 20.27 4.22
N LEU A 265 -5.19 19.15 4.19
CA LEU A 265 -5.02 18.40 2.95
C LEU A 265 -6.40 17.92 2.50
N SER A 266 -6.85 18.32 1.31
CA SER A 266 -8.16 17.92 0.77
C SER A 266 -8.20 16.49 0.22
N VAL A 267 -9.39 15.96 0.04
CA VAL A 267 -9.54 14.63 -0.59
C VAL A 267 -9.05 14.66 -2.05
N GLU A 268 -9.33 15.75 -2.76
CA GLU A 268 -8.76 15.97 -4.09
C GLU A 268 -7.25 15.84 -4.08
N ASP A 269 -6.60 16.54 -3.16
CA ASP A 269 -5.12 16.43 -3.00
C ASP A 269 -4.63 15.01 -2.76
N MET A 270 -5.27 14.35 -1.80
CA MET A 270 -4.86 13.01 -1.37
C MET A 270 -4.96 12.05 -2.54
N VAL A 271 -6.10 12.06 -3.21
CA VAL A 271 -6.28 11.10 -4.33
C VAL A 271 -5.38 11.46 -5.51
N SER A 272 -5.29 12.76 -5.84
N SER A 272 -5.30 12.75 -5.87
CA SER A 272 -4.40 13.22 -6.90
CA SER A 272 -4.38 13.14 -6.94
C SER A 272 -2.90 12.93 -6.64
C SER A 272 -2.92 12.75 -6.63
N GLN A 273 -2.50 12.91 -5.38
CA GLN A 273 -1.13 12.52 -4.99
C GLN A 273 -0.90 11.02 -5.19
N MET A 274 -1.85 10.20 -4.77
CA MET A 274 -1.70 8.76 -4.99
C MET A 274 -1.65 8.44 -6.48
N ARG A 275 -2.49 9.11 -7.26
CA ARG A 275 -2.55 8.80 -8.69
C ARG A 275 -1.26 9.20 -9.47
N VAL A 276 -0.73 10.39 -9.19
CA VAL A 276 0.47 10.88 -9.87
CA VAL A 276 0.46 10.83 -9.92
C VAL A 276 1.70 10.09 -9.41
N GLN A 277 1.63 9.54 -8.21
CA GLN A 277 2.79 8.81 -7.65
C GLN A 277 2.77 7.29 -7.86
N ARG A 278 1.66 6.74 -8.37
CA ARG A 278 1.61 5.29 -8.66
C ARG A 278 0.96 5.07 -10.04
N ASN A 279 -0.34 5.26 -10.12
CA ASN A 279 -1.06 5.27 -11.41
C ASN A 279 -2.47 5.81 -11.26
N GLY A 280 -3.18 6.00 -12.38
CA GLY A 280 -4.46 6.67 -12.33
C GLY A 280 -5.63 5.92 -11.73
N ILE A 281 -5.42 4.64 -11.41
CA ILE A 281 -6.52 3.81 -10.92
C ILE A 281 -6.65 3.92 -9.38
N MET A 282 -5.63 4.50 -8.71
CA MET A 282 -5.62 4.57 -7.24
C MET A 282 -6.96 5.14 -6.72
N VAL A 283 -7.60 4.36 -5.86
CA VAL A 283 -9.01 4.50 -5.44
C VAL A 283 -9.85 4.05 -6.62
N GLN A 284 -10.11 2.74 -6.63
CA GLN A 284 -10.61 2.05 -7.80
C GLN A 284 -12.13 2.04 -7.91
N LYS A 285 -12.84 2.10 -6.78
CA LYS A 285 -14.33 2.09 -6.78
C LYS A 285 -14.91 3.37 -6.19
N ASP A 286 -16.07 3.77 -6.69
CA ASP A 286 -16.81 4.86 -6.07
C ASP A 286 -17.06 4.67 -4.58
N GLU A 287 -17.35 3.44 -4.14
CA GLU A 287 -17.59 3.16 -2.71
C GLU A 287 -16.31 3.33 -1.86
N GLN A 288 -15.16 3.14 -2.47
CA GLN A 288 -13.90 3.43 -1.77
C GLN A 288 -13.68 4.94 -1.61
N LEU A 289 -13.97 5.69 -2.66
CA LEU A 289 -13.88 7.14 -2.61
C LEU A 289 -14.90 7.66 -1.56
N ASP A 290 -16.10 7.06 -1.52
CA ASP A 290 -17.12 7.45 -0.55
C ASP A 290 -16.72 7.27 0.90
N VAL A 291 -15.94 6.23 1.21
CA VAL A 291 -15.41 6.07 2.55
C VAL A 291 -14.40 7.19 2.84
N LEU A 292 -13.54 7.55 1.89
CA LEU A 292 -12.61 8.69 2.14
C LEU A 292 -13.38 10.00 2.41
N ILE A 293 -14.43 10.21 1.62
CA ILE A 293 -15.31 11.39 1.78
C ILE A 293 -15.95 11.42 3.17
N LYS A 294 -16.49 10.29 3.59
CA LYS A 294 -17.12 10.22 4.91
C LYS A 294 -16.12 10.44 6.05
N LEU A 295 -14.91 9.90 5.93
CA LEU A 295 -13.87 10.17 6.92
C LEU A 295 -13.49 11.64 6.93
N ALA A 296 -13.36 12.24 5.74
CA ALA A 296 -13.08 13.70 5.60
C ALA A 296 -14.14 14.54 6.29
N GLU A 297 -15.39 14.26 5.94
CA GLU A 297 -16.55 14.93 6.55
C GLU A 297 -16.52 14.88 8.08
N GLY A 298 -16.15 13.73 8.63
CA GLY A 298 -16.08 13.57 10.07
C GLY A 298 -15.08 14.49 10.74
N GLN A 299 -14.03 14.83 10.00
CA GLN A 299 -12.96 15.69 10.48
C GLN A 299 -13.12 17.16 10.10
N GLY A 300 -14.12 17.50 9.30
CA GLY A 300 -14.26 18.85 8.74
C GLY A 300 -13.18 19.14 7.69
N ARG A 301 -12.63 18.10 7.10
CA ARG A 301 -11.63 18.22 6.02
C ARG A 301 -12.26 18.55 4.65
N PRO A 302 -11.64 19.45 3.87
CA PRO A 302 -12.23 19.80 2.58
C PRO A 302 -12.21 18.64 1.57
N LEU A 303 -13.23 18.54 0.72
CA LEU A 303 -13.15 17.63 -0.42
C LEU A 303 -12.35 18.21 -1.58
N LEU A 304 -12.55 19.49 -1.86
CA LEU A 304 -12.01 20.14 -3.05
C LEU A 304 -11.00 21.21 -2.70
N ASN A 305 -10.08 21.45 -3.63
CA ASN A 305 -9.18 22.59 -3.56
C ASN A 305 -9.90 23.80 -4.10
N SER A 306 -9.71 24.93 -3.43
CA SER A 306 -10.37 26.18 -3.81
C SER A 306 -9.61 26.86 -4.95
FAG YI1 B . -9.09 -3.31 -7.25
CAE YI1 B . -8.50 -4.46 -6.91
FAF YI1 B . -9.33 -5.31 -6.33
PAB YI1 B . -7.17 -4.13 -5.64
OAC YI1 B . -6.50 -5.47 -5.44
OAA YI1 B . -6.22 -3.04 -6.17
OAD YI1 B . -8.05 -3.71 -4.46
CAH YI1 B . -8.06 -5.09 -8.22
CAJ YI1 B . -7.71 -6.44 -8.31
CAK YI1 B . -7.32 -6.97 -9.53
CAL YI1 B . -7.30 -6.19 -10.69
CAM YI1 B . -7.69 -4.85 -10.65
CAI YI1 B . -8.07 -4.32 -9.40
CAN YI1 B . -7.70 -4.05 -11.82
CAQ YI1 B . -8.14 -2.73 -11.77
CAR YI1 B . -8.15 -1.90 -12.88
CAS YI1 B . -7.76 -2.38 -14.11
CAP YI1 B . -7.32 -3.70 -14.20
CAO YI1 B . -7.30 -4.53 -13.07
CAT YI1 B . -7.79 -1.41 -15.28
OAU YI1 B . -8.30 -2.03 -16.44
NAV YI1 B . -7.60 -3.16 -17.03
#